data_4HKW
#
_entry.id   4HKW
#
_cell.length_a   41.879
_cell.length_b   38.428
_cell.length_c   56.315
_cell.angle_alpha   90.00
_cell.angle_beta   105.93
_cell.angle_gamma   90.00
#
_symmetry.space_group_name_H-M   'P 1 21 1'
#
loop_
_entity.id
_entity.type
_entity.pdbx_description
1 polymer 'Endo-1,4-beta-xylanase 2'
2 branched beta-D-xylopyranose-(1-4)-beta-D-xylopyranose-(1-4)-alpha-D-xylopyranose
3 branched beta-D-xylopyranose-(1-4)-beta-D-xylopyranose
4 non-polymer 2-AMINO-2-HYDROXYMETHYL-PROPANE-1,3-DIOL
5 non-polymer 'CALCIUM ION'
6 water water
#
_entity_poly.entity_id   1
_entity_poly.type   'polypeptide(L)'
_entity_poly.pdbx_seq_one_letter_code
;(PCA)TIQPGTGYNNGYFYSYWNDGHGGVTYTNGPGGQFSVNWSNSGNFVGGKGWQPGTKNKVINFSGSYNPNGNSYLSV
YGWSRNPLIEYYIVENFGTYNPSTGATKLGEVTSDGSVYDIYRTQRVNQPSIIGTATFYQYWSVRRNHRSSGSVNTANHF
NAWAQQGLTLGTMDYQIVAVEGYFSSGSASITVS
;
_entity_poly.pdbx_strand_id   A
#
# COMPACT_ATOMS: atom_id res chain seq x y z
N THR A 2 -14.94 11.37 -8.70
CA THR A 2 -13.60 11.91 -8.84
C THR A 2 -13.33 12.93 -7.74
N ILE A 3 -12.26 12.73 -6.98
CA ILE A 3 -11.99 13.61 -5.88
C ILE A 3 -10.56 14.10 -5.72
N GLN A 4 -10.44 15.17 -4.97
CA GLN A 4 -9.14 15.77 -4.69
C GLN A 4 -8.44 15.04 -3.57
N PRO A 5 -7.15 15.25 -3.38
CA PRO A 5 -6.46 14.58 -2.27
C PRO A 5 -7.16 14.80 -0.93
N GLY A 6 -7.28 13.69 -0.20
CA GLY A 6 -7.88 13.81 1.12
C GLY A 6 -8.22 12.44 1.64
N THR A 7 -8.91 12.38 2.77
CA THR A 7 -9.38 11.10 3.28
C THR A 7 -10.86 11.24 3.67
N GLY A 8 -11.49 10.10 3.91
CA GLY A 8 -12.90 10.15 4.33
C GLY A 8 -13.48 8.75 4.16
N TYR A 9 -14.81 8.68 4.08
CA TYR A 9 -15.48 7.37 4.03
C TYR A 9 -16.42 7.33 2.85
N ASN A 10 -16.41 6.20 2.13
CA ASN A 10 -17.32 6.04 0.99
C ASN A 10 -17.86 4.61 0.96
N ASN A 11 -19.19 4.55 1.02
CA ASN A 11 -19.88 3.27 0.86
C ASN A 11 -19.41 2.25 1.88
N GLY A 12 -19.13 2.76 3.09
CA GLY A 12 -18.70 1.94 4.18
C GLY A 12 -17.24 1.62 4.29
N TYR A 13 -16.43 2.21 3.43
CA TYR A 13 -14.99 2.04 3.47
C TYR A 13 -14.30 3.38 3.65
N PHE A 14 -13.26 3.42 4.47
CA PHE A 14 -12.30 4.50 4.50
C PHE A 14 -11.63 4.65 3.15
N TYR A 15 -11.28 5.87 2.76
CA TYR A 15 -10.40 6.05 1.63
C TYR A 15 -9.29 7.05 2.00
N SER A 16 -8.17 6.91 1.32
CA SER A 16 -7.11 7.92 1.44
C SER A 16 -6.59 8.14 0.03
N TYR A 17 -6.49 9.40 -0.36
CA TYR A 17 -5.84 9.72 -1.64
C TYR A 17 -4.88 10.88 -1.36
N TRP A 18 -3.63 10.63 -1.74
CA TRP A 18 -2.51 11.53 -1.57
C TRP A 18 -1.75 11.66 -2.88
N ASN A 19 -1.31 12.89 -3.17
CA ASN A 19 -0.33 13.00 -4.26
C ASN A 19 0.67 14.11 -3.92
N ASP A 20 1.72 14.14 -4.73
CA ASP A 20 2.77 15.13 -4.46
C ASP A 20 2.55 16.42 -5.20
N GLY A 21 1.41 16.60 -5.85
CA GLY A 21 1.15 17.85 -6.55
C GLY A 21 1.59 17.86 -7.99
N HIS A 22 2.22 16.81 -8.48
CA HIS A 22 2.71 16.83 -9.86
C HIS A 22 1.61 16.96 -10.90
N GLY A 23 0.46 16.35 -10.68
CA GLY A 23 -0.53 16.29 -11.76
C GLY A 23 -0.41 14.96 -12.49
N GLY A 24 -1.39 14.73 -13.36
CA GLY A 24 -1.48 13.54 -14.13
C GLY A 24 -2.07 12.35 -13.41
N VAL A 25 -2.83 12.57 -12.33
CA VAL A 25 -3.52 11.49 -11.63
C VAL A 25 -5.01 11.80 -11.42
N THR A 26 -5.80 10.77 -11.67
CA THR A 26 -7.25 10.87 -11.43
C THR A 26 -7.66 9.74 -10.51
N TYR A 27 -8.17 10.06 -9.33
CA TYR A 27 -8.65 9.16 -8.31
C TYR A 27 -10.17 9.21 -8.26
N THR A 28 -10.81 8.06 -8.28
CA THR A 28 -12.27 7.99 -8.21
C THR A 28 -12.75 6.92 -7.26
N ASN A 29 -13.71 7.30 -6.43
CA ASN A 29 -14.34 6.32 -5.56
C ASN A 29 -15.53 5.72 -6.32
N GLY A 30 -15.71 4.41 -6.26
CA GLY A 30 -16.86 3.76 -6.87
C GLY A 30 -17.78 3.18 -5.82
N PRO A 31 -18.72 2.36 -6.27
CA PRO A 31 -19.67 1.69 -5.38
C PRO A 31 -18.99 0.71 -4.43
N GLY A 32 -19.54 0.47 -3.25
CA GLY A 32 -18.94 -0.48 -2.32
C GLY A 32 -17.48 -0.19 -2.04
N GLY A 33 -16.66 -1.24 -2.16
CA GLY A 33 -15.25 -1.12 -1.83
C GLY A 33 -14.42 -0.76 -3.05
N GLN A 34 -15.06 -0.21 -4.09
CA GLN A 34 -14.30 -0.03 -5.32
C GLN A 34 -13.74 1.38 -5.45
N PHE A 35 -12.53 1.47 -5.99
CA PHE A 35 -11.90 2.71 -6.40
C PHE A 35 -11.16 2.49 -7.71
N SER A 36 -10.90 3.59 -8.39
CA SER A 36 -10.14 3.55 -9.63
C SER A 36 -9.09 4.66 -9.60
N VAL A 37 -7.96 4.40 -10.26
CA VAL A 37 -6.97 5.44 -10.48
C VAL A 37 -6.49 5.32 -11.92
N ASN A 38 -6.47 6.45 -12.59
CA ASN A 38 -5.90 6.46 -13.94
C ASN A 38 -4.83 7.55 -13.89
N TRP A 39 -3.64 7.27 -14.39
CA TRP A 39 -2.62 8.33 -14.31
C TRP A 39 -1.80 8.33 -15.60
N SER A 40 -1.23 9.50 -15.89
CA SER A 40 -0.44 9.65 -17.14
C SER A 40 0.66 10.68 -16.90
N ASN A 41 1.95 10.37 -17.01
CA ASN A 41 2.98 11.34 -16.64
C ASN A 41 2.77 11.88 -15.22
N SER A 42 2.58 11.02 -14.22
CA SER A 42 2.37 11.49 -12.86
C SER A 42 3.61 11.83 -12.07
N GLY A 43 3.43 12.29 -10.84
CA GLY A 43 4.49 12.30 -9.84
C GLY A 43 4.33 11.07 -8.96
N ASN A 44 4.55 11.24 -7.67
CA ASN A 44 4.26 10.16 -6.70
C ASN A 44 2.86 10.37 -6.13
N PHE A 45 2.08 9.30 -6.09
CA PHE A 45 0.76 9.36 -5.49
C PHE A 45 0.46 8.01 -4.82
N VAL A 46 -0.49 8.00 -3.91
CA VAL A 46 -0.96 6.78 -3.25
C VAL A 46 -2.45 6.89 -3.01
N GLY A 47 -3.28 5.95 -3.44
CA GLY A 47 -4.71 6.09 -3.15
C GLY A 47 -5.34 4.72 -2.99
N GLY A 48 -6.39 4.62 -2.16
CA GLY A 48 -7.11 3.35 -2.11
C GLY A 48 -8.13 3.33 -0.99
N LYS A 49 -8.80 2.21 -0.85
CA LYS A 49 -9.86 2.00 0.12
C LYS A 49 -9.54 0.92 1.14
N GLY A 50 -10.17 1.01 2.31
CA GLY A 50 -10.09 0.00 3.35
C GLY A 50 -10.72 0.47 4.64
N TRP A 51 -9.88 0.57 5.68
CA TRP A 51 -10.33 0.71 7.06
C TRP A 51 -9.55 1.79 7.81
N GLN A 52 -10.28 2.49 8.68
CA GLN A 52 -9.64 3.37 9.66
C GLN A 52 -10.23 3.12 11.03
N PRO A 53 -9.50 2.53 11.98
CA PRO A 53 -8.14 2.03 11.78
C PRO A 53 -8.12 0.58 11.32
N GLY A 54 -6.92 0.14 10.93
CA GLY A 54 -6.68 -1.26 10.56
C GLY A 54 -6.58 -2.13 11.80
N THR A 55 -6.47 -3.44 11.56
CA THR A 55 -6.22 -4.34 12.68
C THR A 55 -5.04 -5.24 12.32
N LYS A 56 -4.50 -5.92 13.32
CA LYS A 56 -3.36 -6.78 13.02
C LYS A 56 -3.75 -8.21 12.66
N ASN A 57 -5.04 -8.46 12.48
CA ASN A 57 -5.44 -9.81 12.05
C ASN A 57 -6.42 -9.78 10.89
N LYS A 58 -6.53 -8.64 10.21
CA LYS A 58 -7.51 -8.59 9.13
C LYS A 58 -7.11 -9.48 7.96
N VAL A 59 -8.11 -10.13 7.38
CA VAL A 59 -7.99 -10.85 6.12
C VAL A 59 -8.62 -9.94 5.06
N ILE A 60 -7.80 -9.48 4.12
CA ILE A 60 -8.21 -8.47 3.18
C ILE A 60 -8.30 -9.06 1.77
N ASN A 61 -9.45 -8.87 1.13
CA ASN A 61 -9.64 -9.36 -0.23
C ASN A 61 -9.58 -8.23 -1.25
N PHE A 62 -8.96 -8.51 -2.40
CA PHE A 62 -8.94 -7.46 -3.42
C PHE A 62 -9.14 -8.15 -4.77
N SER A 63 -9.68 -7.40 -5.71
CA SER A 63 -9.83 -7.97 -7.05
C SER A 63 -9.87 -6.81 -8.03
N GLY A 64 -9.40 -7.02 -9.25
CA GLY A 64 -9.62 -6.00 -10.26
C GLY A 64 -8.57 -6.02 -11.37
N SER A 65 -8.43 -4.86 -11.97
CA SER A 65 -7.57 -4.49 -13.09
C SER A 65 -6.42 -3.63 -12.60
N TYR A 66 -5.20 -4.06 -12.87
CA TYR A 66 -4.03 -3.27 -12.44
C TYR A 66 -3.06 -3.27 -13.62
N ASN A 67 -2.96 -2.11 -14.25
CA ASN A 67 -2.26 -1.97 -15.52
C ASN A 67 -1.31 -0.79 -15.48
N PRO A 68 -0.25 -0.92 -14.67
CA PRO A 68 0.78 0.11 -14.66
C PRO A 68 1.62 0.05 -15.94
N ASN A 69 2.15 1.21 -16.23
CA ASN A 69 3.15 1.37 -17.27
C ASN A 69 4.29 2.15 -16.65
N GLY A 70 5.22 1.42 -16.04
CA GLY A 70 6.31 2.07 -15.34
C GLY A 70 6.30 1.73 -13.86
N ASN A 71 6.85 2.63 -13.05
CA ASN A 71 7.00 2.42 -11.62
C ASN A 71 5.65 2.60 -10.89
N SER A 72 5.13 1.49 -10.35
CA SER A 72 3.88 1.49 -9.58
C SER A 72 3.79 0.26 -8.69
N TYR A 73 3.06 0.36 -7.57
CA TYR A 73 2.86 -0.76 -6.68
C TYR A 73 1.37 -1.00 -6.46
N LEU A 74 1.02 -2.23 -6.16
CA LEU A 74 -0.33 -2.59 -5.71
C LEU A 74 -0.15 -3.34 -4.39
N SER A 75 -0.60 -2.77 -3.28
CA SER A 75 -0.25 -3.33 -1.98
C SER A 75 -1.36 -3.20 -0.94
N VAL A 76 -1.30 -4.06 0.08
CA VAL A 76 -1.96 -3.74 1.35
C VAL A 76 -1.00 -2.72 1.98
N TYR A 77 -1.50 -1.57 2.39
CA TYR A 77 -0.69 -0.39 2.71
C TYR A 77 -1.29 0.28 3.92
N GLY A 78 -0.48 0.73 4.89
CA GLY A 78 -1.10 1.40 6.03
C GLY A 78 -0.04 1.92 6.96
N TRP A 79 -0.46 2.45 8.10
CA TRP A 79 0.44 3.04 9.06
C TRP A 79 0.16 2.56 10.47
N SER A 80 1.19 2.64 11.31
CA SER A 80 0.96 2.59 12.75
C SER A 80 1.55 3.87 13.35
N ARG A 81 1.26 4.09 14.61
CA ARG A 81 1.84 5.18 15.38
C ARG A 81 2.44 4.60 16.66
N ASN A 82 3.48 5.24 17.15
CA ASN A 82 4.22 4.85 18.33
C ASN A 82 4.52 3.36 18.30
N PRO A 83 5.39 2.87 17.42
CA PRO A 83 6.16 3.67 16.46
C PRO A 83 5.40 4.04 15.19
N LEU A 84 5.85 5.13 14.57
CA LEU A 84 5.38 5.64 13.30
C LEU A 84 5.95 4.76 12.19
N ILE A 85 5.13 3.97 11.53
CA ILE A 85 5.63 3.05 10.51
C ILE A 85 4.73 3.10 9.28
N GLU A 86 5.28 3.18 8.08
CA GLU A 86 4.54 3.05 6.84
C GLU A 86 4.78 1.64 6.34
N TYR A 87 3.76 0.80 6.14
CA TYR A 87 4.07 -0.59 5.82
C TYR A 87 3.39 -0.97 4.50
N TYR A 88 3.92 -2.01 3.88
CA TYR A 88 3.43 -2.43 2.59
C TYR A 88 3.49 -3.97 2.50
N ILE A 89 2.38 -4.56 2.09
CA ILE A 89 2.41 -5.95 1.64
C ILE A 89 2.19 -5.89 0.13
N VAL A 90 3.26 -5.91 -0.64
CA VAL A 90 3.20 -5.67 -2.08
C VAL A 90 2.79 -6.91 -2.85
N GLU A 91 1.64 -6.83 -3.50
CA GLU A 91 1.07 -7.96 -4.25
C GLU A 91 1.47 -7.93 -5.73
N ASN A 92 1.74 -6.74 -6.25
CA ASN A 92 2.16 -6.54 -7.65
C ASN A 92 3.00 -5.28 -7.76
N PHE A 93 3.95 -5.21 -8.67
CA PHE A 93 4.56 -3.89 -8.93
C PHE A 93 4.83 -3.87 -10.44
N GLY A 94 5.21 -2.71 -10.94
CA GLY A 94 5.49 -2.59 -12.37
C GLY A 94 6.97 -2.81 -12.63
N THR A 95 7.66 -1.81 -13.16
CA THR A 95 9.06 -1.99 -13.53
C THR A 95 10.06 -1.93 -12.40
N TYR A 96 9.68 -1.49 -11.20
CA TYR A 96 10.68 -1.24 -10.17
C TYR A 96 10.32 -2.00 -8.89
N ASN A 97 11.22 -2.85 -8.43
CA ASN A 97 10.99 -3.56 -7.18
C ASN A 97 11.28 -2.63 -6.01
N PRO A 98 10.33 -2.36 -5.14
CA PRO A 98 10.58 -1.36 -4.07
C PRO A 98 11.68 -1.77 -3.11
N SER A 99 12.12 -3.02 -3.11
CA SER A 99 13.18 -3.44 -2.20
C SER A 99 14.58 -3.30 -2.80
N THR A 100 14.67 -2.72 -3.99
CA THR A 100 15.95 -2.58 -4.67
C THR A 100 16.84 -1.75 -3.77
N GLY A 101 17.99 -2.25 -3.33
CA GLY A 101 18.80 -1.44 -2.43
C GLY A 101 18.59 -1.68 -0.94
N ALA A 102 17.59 -2.46 -0.56
CA ALA A 102 17.26 -2.76 0.81
C ALA A 102 17.83 -4.09 1.25
N THR A 103 18.16 -4.22 2.53
CA THR A 103 18.71 -5.47 3.03
C THR A 103 17.62 -6.47 3.35
N LYS A 104 17.66 -7.66 2.77
CA LYS A 104 16.67 -8.69 3.08
C LYS A 104 16.76 -9.15 4.53
N LEU A 105 15.65 -9.13 5.29
CA LEU A 105 15.67 -9.58 6.68
C LEU A 105 15.10 -10.97 6.92
N GLY A 106 14.27 -11.46 6.02
CA GLY A 106 13.71 -12.79 6.09
C GLY A 106 12.64 -13.05 5.05
N GLU A 107 11.88 -14.14 5.26
CA GLU A 107 10.83 -14.55 4.35
C GLU A 107 9.57 -14.95 5.11
N VAL A 108 8.45 -14.84 4.39
CA VAL A 108 7.22 -15.39 4.94
C VAL A 108 6.43 -15.97 3.77
N THR A 109 5.81 -17.12 4.00
CA THR A 109 4.93 -17.71 3.02
C THR A 109 3.48 -17.47 3.40
N SER A 110 2.68 -16.97 2.46
CA SER A 110 1.31 -16.61 2.77
C SER A 110 0.50 -16.54 1.49
N ASP A 111 -0.72 -17.07 1.55
CA ASP A 111 -1.65 -16.88 0.44
C ASP A 111 -1.07 -17.25 -0.90
N GLY A 112 -0.32 -18.35 -0.98
CA GLY A 112 0.07 -18.90 -2.28
C GLY A 112 1.40 -18.42 -2.83
N SER A 113 2.16 -17.64 -2.06
CA SER A 113 3.47 -17.16 -2.51
C SER A 113 4.41 -16.95 -1.33
N VAL A 114 5.72 -17.08 -1.56
CA VAL A 114 6.69 -16.57 -0.61
C VAL A 114 6.82 -15.06 -0.81
N TYR A 115 7.13 -14.32 0.22
CA TYR A 115 7.37 -12.90 0.26
C TYR A 115 8.73 -12.66 0.93
N ASP A 116 9.49 -11.70 0.44
CA ASP A 116 10.74 -11.30 1.08
C ASP A 116 10.49 -10.06 1.93
N ILE A 117 11.13 -10.01 3.09
CA ILE A 117 10.88 -8.97 4.08
C ILE A 117 12.05 -8.00 4.18
N TYR A 118 11.77 -6.70 4.19
CA TYR A 118 12.82 -5.69 4.25
C TYR A 118 12.39 -4.50 5.10
N ARG A 119 13.37 -3.83 5.70
CA ARG A 119 13.12 -2.55 6.35
C ARG A 119 13.83 -1.43 5.59
N THR A 120 13.16 -0.32 5.37
CA THR A 120 13.81 0.85 4.80
C THR A 120 13.51 2.05 5.69
N GLN A 121 14.09 3.21 5.35
CA GLN A 121 13.83 4.41 6.14
C GLN A 121 13.55 5.59 5.22
N ARG A 122 12.56 6.39 5.59
CA ARG A 122 12.21 7.60 4.85
C ARG A 122 12.71 8.77 5.69
N VAL A 123 13.38 9.72 5.08
CA VAL A 123 13.98 10.79 5.88
C VAL A 123 13.37 12.13 5.50
N ASN A 124 12.82 12.80 6.52
CA ASN A 124 12.19 14.11 6.34
C ASN A 124 11.18 14.11 5.19
N GLN A 125 10.24 13.15 5.20
CA GLN A 125 9.25 12.97 4.14
C GLN A 125 7.83 13.18 4.67
N PRO A 126 6.85 13.41 3.79
CA PRO A 126 5.46 13.52 4.22
C PRO A 126 4.99 12.26 4.93
N SER A 127 3.98 12.38 5.79
CA SER A 127 3.50 11.20 6.51
C SER A 127 2.14 11.52 7.10
N ILE A 128 1.53 10.57 7.78
CA ILE A 128 0.25 10.82 8.47
C ILE A 128 0.37 11.80 9.63
N ILE A 129 1.58 12.15 10.07
CA ILE A 129 1.69 13.23 11.06
C ILE A 129 2.50 14.41 10.55
N GLY A 130 2.65 14.57 9.24
CA GLY A 130 3.38 15.68 8.63
C GLY A 130 4.83 15.32 8.42
N THR A 131 5.71 16.30 8.21
CA THR A 131 7.08 15.94 7.79
C THR A 131 7.77 15.12 8.86
N ALA A 132 8.32 13.98 8.52
CA ALA A 132 8.91 13.09 9.52
C ALA A 132 9.93 12.13 8.95
N THR A 133 10.71 11.55 9.84
CA THR A 133 11.62 10.45 9.54
C THR A 133 11.05 9.19 10.18
N PHE A 134 10.99 8.11 9.40
CA PHE A 134 10.31 6.91 9.88
C PHE A 134 10.73 5.68 9.07
N TYR A 135 10.57 4.52 9.68
CA TYR A 135 10.83 3.27 8.97
C TYR A 135 9.62 2.86 8.14
N GLN A 136 9.92 2.13 7.08
CA GLN A 136 8.92 1.40 6.34
C GLN A 136 9.22 -0.12 6.42
N TYR A 137 8.18 -0.92 6.52
CA TYR A 137 8.26 -2.37 6.48
C TYR A 137 7.69 -2.89 5.16
N TRP A 138 8.38 -3.86 4.57
CA TRP A 138 7.93 -4.39 3.30
C TRP A 138 7.85 -5.92 3.32
N SER A 139 6.76 -6.47 2.82
CA SER A 139 6.65 -7.83 2.34
C SER A 139 6.50 -7.76 0.82
N VAL A 140 7.42 -8.31 0.06
CA VAL A 140 7.31 -8.24 -1.39
C VAL A 140 6.99 -9.61 -1.99
N ARG A 141 5.81 -9.74 -2.58
CA ARG A 141 5.38 -11.02 -3.14
C ARG A 141 6.26 -11.40 -4.32
N ARG A 142 6.75 -12.64 -4.31
CA ARG A 142 7.60 -13.12 -5.41
C ARG A 142 6.80 -13.30 -6.69
N ASN A 143 5.57 -13.79 -6.58
CA ASN A 143 4.73 -14.01 -7.77
C ASN A 143 3.53 -13.07 -7.77
N HIS A 144 3.61 -12.09 -8.67
CA HIS A 144 2.67 -10.98 -8.67
C HIS A 144 1.26 -11.41 -8.97
N ARG A 145 0.31 -10.60 -8.48
CA ARG A 145 -1.07 -10.86 -8.84
C ARG A 145 -1.89 -9.61 -8.59
N SER A 146 -3.06 -9.53 -9.23
CA SER A 146 -3.89 -8.33 -9.08
C SER A 146 -5.24 -8.59 -8.42
N SER A 147 -5.43 -9.82 -7.98
CA SER A 147 -6.56 -10.18 -7.14
C SER A 147 -6.11 -11.21 -6.11
N GLY A 148 -6.81 -11.26 -4.98
CA GLY A 148 -6.46 -12.28 -4.00
C GLY A 148 -6.91 -11.96 -2.60
N SER A 149 -6.48 -12.80 -1.67
CA SER A 149 -6.72 -12.55 -0.25
C SER A 149 -5.39 -12.43 0.48
N VAL A 150 -5.30 -11.52 1.43
CA VAL A 150 -4.07 -11.34 2.19
C VAL A 150 -4.37 -11.48 3.68
N ASN A 151 -3.78 -12.48 4.30
CA ASN A 151 -3.90 -12.65 5.74
C ASN A 151 -2.81 -11.79 6.37
N THR A 152 -3.16 -10.56 6.78
CA THR A 152 -2.12 -9.65 7.28
C THR A 152 -1.41 -10.16 8.52
N ALA A 153 -2.04 -10.98 9.35
CA ALA A 153 -1.39 -11.52 10.52
C ALA A 153 -0.13 -12.29 10.17
N ASN A 154 -0.19 -13.03 9.05
CA ASN A 154 1.01 -13.77 8.65
C ASN A 154 2.19 -12.83 8.45
N HIS A 155 1.91 -11.68 7.82
CA HIS A 155 2.99 -10.70 7.61
C HIS A 155 3.37 -10.01 8.91
N PHE A 156 2.38 -9.48 9.63
CA PHE A 156 2.75 -8.75 10.85
C PHE A 156 3.50 -9.64 11.84
N ASN A 157 3.08 -10.91 11.92
CA ASN A 157 3.72 -11.84 12.84
C ASN A 157 5.17 -12.12 12.39
N ALA A 158 5.35 -12.33 11.08
CA ALA A 158 6.72 -12.55 10.61
C ALA A 158 7.59 -11.32 10.80
N TRP A 159 7.02 -10.14 10.56
CA TRP A 159 7.81 -8.93 10.75
C TRP A 159 8.29 -8.85 12.19
N ALA A 160 7.35 -9.11 13.09
CA ALA A 160 7.59 -8.95 14.52
C ALA A 160 8.77 -9.83 14.94
N GLN A 161 8.84 -10.98 14.34
CA GLN A 161 9.85 -11.95 14.66
C GLN A 161 11.19 -11.44 14.28
N GLN A 162 11.17 -10.66 13.23
CA GLN A 162 12.37 -10.04 12.70
C GLN A 162 12.70 -8.70 13.37
N GLY A 163 11.98 -8.37 14.43
CA GLY A 163 12.27 -7.12 15.14
C GLY A 163 11.56 -5.93 14.53
N LEU A 164 10.69 -6.20 13.57
CA LEU A 164 9.92 -5.16 12.91
C LEU A 164 8.56 -4.98 13.60
N THR A 165 8.52 -4.20 14.66
CA THR A 165 7.28 -4.11 15.42
C THR A 165 6.43 -2.91 14.99
N LEU A 166 5.12 -3.15 15.02
CA LEU A 166 4.12 -2.14 14.71
C LEU A 166 3.52 -1.54 15.97
N GLY A 167 3.17 -0.26 15.89
CA GLY A 167 2.56 0.43 17.02
C GLY A 167 1.04 0.32 16.95
N THR A 168 0.31 1.36 17.36
CA THR A 168 -1.16 1.30 17.30
C THR A 168 -1.59 1.59 15.87
N MET A 169 -2.49 0.76 15.30
CA MET A 169 -2.75 0.94 13.89
C MET A 169 -3.43 2.28 13.60
N ASP A 170 -3.02 2.84 12.48
CA ASP A 170 -3.79 3.92 11.86
C ASP A 170 -4.50 3.29 10.65
N TYR A 171 -4.57 3.92 9.48
CA TYR A 171 -5.42 3.36 8.43
C TYR A 171 -4.77 2.15 7.78
N GLN A 172 -5.58 1.41 7.03
CA GLN A 172 -5.16 0.17 6.40
C GLN A 172 -6.01 0.00 5.16
N ILE A 173 -5.38 0.12 4.01
CA ILE A 173 -6.13 0.09 2.76
C ILE A 173 -5.45 -0.85 1.75
N VAL A 174 -6.13 -1.12 0.65
CA VAL A 174 -5.50 -1.62 -0.55
C VAL A 174 -5.24 -0.40 -1.43
N ALA A 175 -3.99 -0.13 -1.70
CA ALA A 175 -3.59 1.09 -2.38
C ALA A 175 -2.89 0.83 -3.71
N VAL A 176 -3.14 1.73 -4.64
CA VAL A 176 -2.34 1.80 -5.87
C VAL A 176 -1.39 2.97 -5.67
N GLU A 177 -0.10 2.74 -5.85
CA GLU A 177 0.90 3.79 -5.79
C GLU A 177 1.57 3.88 -7.16
N GLY A 178 1.83 5.13 -7.55
CA GLY A 178 2.63 5.33 -8.76
C GLY A 178 3.79 6.25 -8.41
N TYR A 179 4.87 6.10 -9.16
CA TYR A 179 6.07 6.90 -8.99
C TYR A 179 6.55 7.32 -10.39
N PHE A 180 6.12 8.51 -10.81
CA PHE A 180 6.53 9.16 -12.06
C PHE A 180 6.36 8.22 -13.24
N SER A 181 5.08 7.93 -13.47
CA SER A 181 4.71 6.90 -14.43
C SER A 181 3.31 7.16 -14.98
N SER A 182 2.75 6.17 -15.64
CA SER A 182 1.41 6.17 -16.20
C SER A 182 0.75 4.84 -15.88
N GLY A 183 -0.58 4.82 -15.91
CA GLY A 183 -1.26 3.54 -15.78
C GLY A 183 -2.76 3.68 -15.57
N SER A 184 -3.40 2.52 -15.46
CA SER A 184 -4.82 2.52 -15.10
C SER A 184 -5.10 1.37 -14.14
N ALA A 185 -5.92 1.58 -13.12
CA ALA A 185 -6.29 0.49 -12.22
C ALA A 185 -7.70 0.69 -11.68
N SER A 186 -8.35 -0.43 -11.39
CA SER A 186 -9.67 -0.39 -10.79
C SER A 186 -9.77 -1.54 -9.81
N ILE A 187 -9.83 -1.25 -8.51
CA ILE A 187 -9.71 -2.29 -7.50
C ILE A 187 -10.93 -2.30 -6.59
N THR A 188 -11.44 -3.47 -6.28
CA THR A 188 -12.50 -3.61 -5.29
C THR A 188 -11.99 -4.30 -4.04
N VAL A 189 -12.12 -3.63 -2.90
CA VAL A 189 -11.66 -4.16 -1.63
C VAL A 189 -12.78 -4.73 -0.79
N SER A 190 -12.46 -5.77 -0.01
CA SER A 190 -13.40 -6.27 1.01
C SER A 190 -12.68 -6.97 2.14
#